data_3EFJ
#
_entry.id   3EFJ
#
_cell.length_a   74.741
_cell.length_b   78.648
_cell.length_c   129.257
_cell.angle_alpha   90.00
_cell.angle_beta   90.00
_cell.angle_gamma   90.00
#
_symmetry.space_group_name_H-M   'P 21 21 21'
#
loop_
_entity.id
_entity.type
_entity.pdbx_description
1 polymer 'Hepatocyte growth factor receptor'
2 non-polymer 2-benzyl-5-{4-[(6,7-dimethoxyquinolin-4-yl)oxy]-3-fluorophenyl}-3-methylpyrimidin-4(3H)-one
3 water water
#
_entity_poly.entity_id   1
_entity_poly.type   'polypeptide(L)'
_entity_poly.pdbx_seq_one_letter_code
;MQNTVHIDLSALNPELVQAVQHVVIGPSSLIVHFNEVIGRGHFGCVYHGTLLDNDGKKIHCAVKSLNRITDIGEVSQFLT
EGIIMKDFSHPNVLSLLGICLRSEGSPLVVLPYMKHGDLRNFIRNETHNPTVKDLIGFGLQVAKGMKYLASKKFVHRDLA
ARNCMLDEKFTVKVADFGLARDMYDKEYYSVHNKTGAKLPVKWMALESLQTQKFTTKSDVWSFGVLLWELMTRGAPPYPD
VNTFDITVYLLQGRRLLQPEYCPDPLYEVMLKCWHPKAEMRPSFSELVSRISAIFSTFIGEHYVHHHHHH
;
_entity_poly.pdbx_strand_id   A,B
#
loop_
_chem_comp.id
_chem_comp.type
_chem_comp.name
_chem_comp.formula
MT3 non-polymer 2-benzyl-5-{4-[(6,7-dimethoxyquinolin-4-yl)oxy]-3-fluorophenyl}-3-methylpyrimidin-4(3H)-one 'C29 H24 F N3 O4'
#
# COMPACT_ATOMS: atom_id res chain seq x y z
N ASP A 8 -5.36 16.04 10.42
CA ASP A 8 -4.73 17.25 9.81
C ASP A 8 -5.39 17.59 8.47
N LEU A 9 -5.45 18.89 8.17
CA LEU A 9 -6.11 19.40 6.96
C LEU A 9 -5.35 19.09 5.67
N SER A 10 -4.51 20.03 5.23
CA SER A 10 -3.83 19.94 3.93
C SER A 10 -2.39 20.47 3.97
N ALA A 11 -1.55 19.85 4.81
CA ALA A 11 -0.13 20.14 4.83
C ALA A 11 0.64 19.12 3.97
N LEU A 12 0.20 18.98 2.72
CA LEU A 12 0.76 18.02 1.78
C LEU A 12 1.48 18.78 0.68
N ASN A 13 2.08 18.06 -0.26
CA ASN A 13 2.83 18.70 -1.34
C ASN A 13 1.94 19.53 -2.25
N PRO A 14 2.26 20.83 -2.41
CA PRO A 14 1.51 21.77 -3.24
C PRO A 14 1.13 21.24 -4.62
N GLU A 15 2.05 20.57 -5.29
CA GLU A 15 1.79 20.05 -6.64
C GLU A 15 0.79 18.88 -6.62
N LEU A 16 0.87 18.06 -5.58
CA LEU A 16 -0.05 16.94 -5.42
C LEU A 16 -1.45 17.45 -5.09
N VAL A 17 -1.52 18.39 -4.15
CA VAL A 17 -2.75 19.08 -3.81
C VAL A 17 -3.36 19.73 -5.06
N GLN A 18 -2.52 20.25 -5.95
CA GLN A 18 -2.99 20.86 -7.19
C GLN A 18 -3.54 19.81 -8.13
N ALA A 19 -2.96 18.61 -8.07
CA ALA A 19 -3.34 17.50 -8.93
C ALA A 19 -4.66 16.89 -8.48
N VAL A 20 -4.95 17.03 -7.19
CA VAL A 20 -6.10 16.39 -6.54
C VAL A 20 -7.38 17.24 -6.60
N GLN A 21 -7.26 18.54 -6.84
CA GLN A 21 -8.39 19.46 -6.68
C GLN A 21 -9.67 19.06 -7.42
N HIS A 22 -9.52 18.43 -8.58
CA HIS A 22 -10.67 18.03 -9.40
C HIS A 22 -11.43 16.83 -8.81
N VAL A 23 -10.83 16.22 -7.79
CA VAL A 23 -11.41 15.07 -7.11
C VAL A 23 -11.97 15.52 -5.76
N VAL A 24 -11.49 16.66 -5.25
CA VAL A 24 -11.95 17.15 -3.96
C VAL A 24 -13.30 17.86 -4.09
N ILE A 25 -14.21 17.52 -3.17
CA ILE A 25 -15.51 18.16 -3.08
C ILE A 25 -15.45 19.18 -1.94
N GLY A 26 -15.85 20.41 -2.23
CA GLY A 26 -16.05 21.43 -1.21
C GLY A 26 -17.16 21.02 -0.24
N PRO A 27 -16.83 20.94 1.06
CA PRO A 27 -17.76 20.45 2.10
C PRO A 27 -19.06 21.23 2.19
N SER A 28 -19.03 22.50 1.78
CA SER A 28 -20.24 23.31 1.77
C SER A 28 -21.14 22.95 0.58
N SER A 29 -20.76 21.94 -0.19
CA SER A 29 -21.63 21.43 -1.23
C SER A 29 -22.08 19.98 -0.94
N LEU A 30 -21.78 19.50 0.27
CA LEU A 30 -22.14 18.15 0.70
C LEU A 30 -22.84 18.15 2.05
N ILE A 31 -23.90 17.34 2.13
CA ILE A 31 -24.56 17.05 3.39
C ILE A 31 -24.44 15.55 3.64
N VAL A 32 -23.99 15.19 4.84
CA VAL A 32 -23.92 13.80 5.23
C VAL A 32 -24.89 13.57 6.39
N HIS A 33 -25.86 12.68 6.15
CA HIS A 33 -26.79 12.27 7.19
C HIS A 33 -26.16 11.12 7.97
N PHE A 34 -25.34 11.45 8.97
CA PHE A 34 -24.72 10.44 9.82
C PHE A 34 -25.70 9.59 10.64
N ASN A 35 -26.98 9.97 10.61
CA ASN A 35 -28.02 9.21 11.32
C ASN A 35 -28.81 8.24 10.42
N GLU A 36 -28.47 8.23 9.13
CA GLU A 36 -29.09 7.31 8.16
C GLU A 36 -28.04 6.41 7.54
N VAL A 37 -27.87 5.23 8.14
CA VAL A 37 -26.85 4.27 7.71
C VAL A 37 -27.38 3.39 6.59
N ILE A 38 -26.58 3.28 5.53
CA ILE A 38 -26.96 2.55 4.32
C ILE A 38 -26.80 1.03 4.47
N GLY A 39 -25.65 0.60 4.99
CA GLY A 39 -25.41 -0.82 5.19
C GLY A 39 -24.47 -1.06 6.35
N ARG A 40 -24.68 -2.16 7.05
CA ARG A 40 -23.85 -2.51 8.20
C ARG A 40 -23.18 -3.86 7.99
N GLY A 41 -22.06 -3.85 7.26
CA GLY A 41 -21.32 -5.06 6.93
C GLY A 41 -19.87 -4.76 6.60
N HIS A 42 -19.29 -5.57 5.72
CA HIS A 42 -17.90 -5.42 5.28
C HIS A 42 -17.67 -4.09 4.53
N PHE A 43 -18.75 -3.34 4.32
CA PHE A 43 -18.70 -2.04 3.66
C PHE A 43 -18.15 -0.98 4.61
N GLY A 44 -18.54 -1.10 5.89
CA GLY A 44 -18.08 -0.20 6.93
C GLY A 44 -19.20 0.70 7.40
N CYS A 45 -18.97 2.00 7.39
CA CYS A 45 -20.02 2.95 7.71
C CYS A 45 -20.34 3.83 6.51
N VAL A 46 -21.49 3.53 5.92
CA VAL A 46 -21.95 4.16 4.70
C VAL A 46 -23.24 4.89 5.01
N TYR A 47 -23.30 6.17 4.65
CA TYR A 47 -24.44 6.99 4.99
C TYR A 47 -25.08 7.61 3.76
N HIS A 48 -26.33 8.00 3.88
CA HIS A 48 -26.99 8.79 2.86
C HIS A 48 -26.39 10.18 2.82
N GLY A 49 -26.16 10.67 1.61
CA GLY A 49 -25.63 12.00 1.39
C GLY A 49 -26.39 12.72 0.29
N THR A 50 -26.21 14.03 0.25
CA THR A 50 -26.81 14.87 -0.75
C THR A 50 -25.71 15.79 -1.22
N LEU A 51 -25.42 15.73 -2.52
CA LEU A 51 -24.34 16.50 -3.07
C LEU A 51 -24.88 17.57 -3.99
N LEU A 52 -24.40 18.80 -3.80
CA LEU A 52 -24.78 19.89 -4.67
C LEU A 52 -23.71 20.05 -5.74
N ASP A 53 -24.04 19.59 -6.94
CA ASP A 53 -23.11 19.60 -8.04
C ASP A 53 -22.99 21.00 -8.64
N ASN A 54 -21.89 21.26 -9.33
CA ASN A 54 -21.53 22.59 -9.82
C ASN A 54 -22.55 23.20 -10.79
N ASP A 55 -23.23 22.33 -11.56
CA ASP A 55 -24.28 22.76 -12.48
C ASP A 55 -25.53 23.18 -11.72
N GLY A 56 -25.73 22.59 -10.53
CA GLY A 56 -26.86 22.92 -9.68
C GLY A 56 -27.83 21.78 -9.44
N LYS A 57 -27.43 20.56 -9.80
CA LYS A 57 -28.27 19.41 -9.54
C LYS A 57 -27.96 18.83 -8.18
N LYS A 58 -29.02 18.61 -7.40
CA LYS A 58 -28.94 18.03 -6.08
C LYS A 58 -28.96 16.51 -6.25
N ILE A 59 -27.92 15.85 -5.77
CA ILE A 59 -27.79 14.43 -6.04
C ILE A 59 -27.74 13.54 -4.80
N HIS A 60 -28.64 12.57 -4.74
CA HIS A 60 -28.63 11.55 -3.70
C HIS A 60 -27.43 10.64 -3.93
N CYS A 61 -26.64 10.44 -2.88
CA CYS A 61 -25.41 9.68 -3.02
C CYS A 61 -25.11 8.86 -1.77
N ALA A 62 -24.07 8.04 -1.85
CA ALA A 62 -23.60 7.27 -0.71
C ALA A 62 -22.25 7.82 -0.27
N VAL A 63 -22.09 7.97 1.03
CA VAL A 63 -20.89 8.56 1.60
C VAL A 63 -20.29 7.55 2.58
N LYS A 64 -19.02 7.22 2.35
CA LYS A 64 -18.31 6.36 3.28
C LYS A 64 -17.22 7.15 4.00
N SER A 65 -17.17 6.98 5.31
CA SER A 65 -16.10 7.56 6.11
C SER A 65 -14.93 6.59 6.14
N LEU A 66 -13.75 7.10 5.82
CA LEU A 66 -12.52 6.31 5.85
C LEU A 66 -11.86 6.40 7.22
N ASN A 67 -12.26 5.51 8.13
CA ASN A 67 -11.69 5.45 9.47
C ASN A 67 -10.48 4.54 9.49
N ARG A 68 -9.30 5.14 9.34
CA ARG A 68 -8.00 4.44 9.34
C ARG A 68 -6.90 5.45 9.05
N ILE A 69 -7.18 6.35 8.11
CA ILE A 69 -6.26 7.42 7.70
C ILE A 69 -5.77 8.26 8.89
N THR A 70 -4.50 8.69 8.81
CA THR A 70 -3.91 9.60 9.80
C THR A 70 -2.76 10.40 9.18
N ASP A 71 -1.62 9.74 8.95
CA ASP A 71 -0.42 10.42 8.47
C ASP A 71 -0.56 10.96 7.03
N ILE A 72 0.38 11.81 6.64
CA ILE A 72 0.42 12.37 5.29
C ILE A 72 0.49 11.29 4.21
N GLY A 73 1.33 10.27 4.45
CA GLY A 73 1.51 9.15 3.54
C GLY A 73 0.22 8.44 3.18
N GLU A 74 -0.64 8.22 4.18
CA GLU A 74 -1.95 7.60 3.98
C GLU A 74 -2.85 8.50 3.13
N VAL A 75 -3.00 9.74 3.55
CA VAL A 75 -3.81 10.71 2.80
C VAL A 75 -3.34 10.84 1.35
N SER A 76 -2.02 10.91 1.16
CA SER A 76 -1.44 11.10 -0.17
C SER A 76 -1.69 9.89 -1.08
N GLN A 77 -1.51 8.70 -0.50
CA GLN A 77 -1.87 7.44 -1.12
C GLN A 77 -3.35 7.48 -1.53
N PHE A 78 -4.18 7.87 -0.56
CA PHE A 78 -5.62 7.97 -0.74
C PHE A 78 -6.00 8.95 -1.86
N LEU A 79 -5.31 10.08 -1.92
CA LEU A 79 -5.61 11.10 -2.92
C LEU A 79 -5.33 10.62 -4.35
N THR A 80 -4.22 9.92 -4.55
CA THR A 80 -3.83 9.46 -5.88
C THR A 80 -4.70 8.29 -6.32
N GLU A 81 -5.10 7.47 -5.36
CA GLU A 81 -6.13 6.47 -5.56
C GLU A 81 -7.44 7.13 -6.05
N GLY A 82 -7.74 8.31 -5.49
CA GLY A 82 -8.89 9.09 -5.93
C GLY A 82 -8.77 9.58 -7.36
N ILE A 83 -7.57 10.06 -7.70
CA ILE A 83 -7.29 10.57 -9.04
C ILE A 83 -7.51 9.48 -10.07
N ILE A 84 -7.01 8.29 -9.76
CA ILE A 84 -7.11 7.15 -10.67
C ILE A 84 -8.56 6.77 -10.94
N MET A 85 -9.35 6.59 -9.87
CA MET A 85 -10.76 6.19 -9.98
C MET A 85 -11.61 7.25 -10.64
N LYS A 86 -11.25 8.52 -10.46
CA LYS A 86 -12.00 9.63 -11.05
C LYS A 86 -11.93 9.58 -12.57
N ASP A 87 -10.80 9.15 -13.11
CA ASP A 87 -10.56 9.11 -14.56
C ASP A 87 -11.30 7.96 -15.25
N PHE A 88 -11.75 7.00 -14.45
CA PHE A 88 -12.52 5.86 -14.95
C PHE A 88 -13.91 6.28 -15.40
N SER A 89 -14.26 5.94 -16.63
CA SER A 89 -15.60 6.16 -17.14
C SER A 89 -16.05 4.93 -17.92
N HIS A 90 -17.06 4.25 -17.37
CA HIS A 90 -17.64 3.04 -17.97
C HIS A 90 -18.90 2.70 -17.20
N PRO A 91 -19.96 2.26 -17.92
CA PRO A 91 -21.22 1.93 -17.26
C PRO A 91 -21.14 0.71 -16.35
N ASN A 92 -20.08 -0.08 -16.48
CA ASN A 92 -19.87 -1.24 -15.60
C ASN A 92 -18.82 -1.02 -14.51
N VAL A 93 -18.36 0.23 -14.38
CA VAL A 93 -17.42 0.59 -13.32
C VAL A 93 -18.04 1.70 -12.46
N LEU A 94 -18.03 1.49 -11.14
CA LEU A 94 -18.60 2.49 -10.23
C LEU A 94 -17.84 3.82 -10.33
N SER A 95 -18.59 4.90 -10.51
CA SER A 95 -18.00 6.23 -10.59
C SER A 95 -17.63 6.78 -9.23
N LEU A 96 -16.58 7.60 -9.20
CA LEU A 96 -16.27 8.39 -8.03
C LEU A 96 -16.78 9.80 -8.28
N LEU A 97 -17.67 10.27 -7.40
CA LEU A 97 -18.14 11.64 -7.48
C LEU A 97 -17.12 12.60 -6.90
N GLY A 98 -16.39 12.14 -5.89
CA GLY A 98 -15.33 12.91 -5.29
C GLY A 98 -14.93 12.43 -3.91
N ILE A 99 -13.92 13.09 -3.36
CA ILE A 99 -13.50 12.85 -1.98
C ILE A 99 -13.62 14.15 -1.21
N CYS A 100 -13.79 14.02 0.10
CA CYS A 100 -14.00 15.17 0.93
C CYS A 100 -12.98 15.15 2.04
N LEU A 101 -12.19 16.21 2.11
CA LEU A 101 -11.17 16.36 3.15
C LEU A 101 -11.69 17.31 4.19
N ARG A 102 -11.65 16.89 5.45
CA ARG A 102 -12.14 17.75 6.55
C ARG A 102 -11.13 17.94 7.68
N SER A 103 -11.24 19.09 8.35
CA SER A 103 -10.35 19.45 9.47
C SER A 103 -10.61 18.56 10.67
N GLU A 104 -11.89 18.30 10.93
CA GLU A 104 -12.32 17.36 11.95
C GLU A 104 -12.86 16.10 11.28
N GLY A 105 -12.38 14.94 11.73
CA GLY A 105 -12.83 13.67 11.17
C GLY A 105 -12.04 13.22 9.97
N SER A 106 -12.02 11.90 9.74
CA SER A 106 -11.31 11.29 8.63
C SER A 106 -12.03 11.51 7.29
N PRO A 107 -11.31 11.42 6.15
CA PRO A 107 -11.86 11.76 4.84
C PRO A 107 -13.05 10.90 4.40
N LEU A 108 -13.83 11.45 3.46
CA LEU A 108 -15.05 10.82 2.98
C LEU A 108 -14.95 10.46 1.51
N VAL A 109 -15.53 9.33 1.16
CA VAL A 109 -15.64 8.94 -0.23
C VAL A 109 -17.10 9.06 -0.65
N VAL A 110 -17.34 9.75 -1.76
CA VAL A 110 -18.68 10.05 -2.22
C VAL A 110 -18.95 9.34 -3.55
N LEU A 111 -20.01 8.54 -3.56
CA LEU A 111 -20.32 7.65 -4.67
C LEU A 111 -21.79 7.74 -5.03
N PRO A 112 -22.13 7.46 -6.30
CA PRO A 112 -23.54 7.50 -6.69
C PRO A 112 -24.31 6.46 -5.90
N TYR A 113 -25.57 6.73 -5.62
CA TYR A 113 -26.39 5.79 -4.86
C TYR A 113 -26.77 4.57 -5.71
N MET A 114 -26.54 3.39 -5.16
CA MET A 114 -26.91 2.14 -5.82
C MET A 114 -28.14 1.59 -5.14
N LYS A 115 -29.27 1.62 -5.85
CA LYS A 115 -30.57 1.26 -5.27
C LYS A 115 -30.59 -0.14 -4.68
N HIS A 116 -30.00 -1.10 -5.39
CA HIS A 116 -30.09 -2.52 -5.02
C HIS A 116 -28.87 -3.06 -4.28
N GLY A 117 -27.96 -2.17 -3.90
CA GLY A 117 -26.81 -2.52 -3.08
C GLY A 117 -25.82 -3.42 -3.81
N ASP A 118 -25.15 -4.27 -3.05
CA ASP A 118 -24.12 -5.13 -3.63
C ASP A 118 -24.72 -6.42 -4.19
N LEU A 119 -24.15 -6.87 -5.31
CA LEU A 119 -24.65 -8.02 -6.06
C LEU A 119 -24.82 -9.29 -5.23
N ARG A 120 -23.93 -9.49 -4.27
CA ARG A 120 -23.97 -10.70 -3.44
C ARG A 120 -25.23 -10.79 -2.58
N ASN A 121 -25.55 -9.70 -1.87
CA ASN A 121 -26.79 -9.65 -1.08
C ASN A 121 -28.04 -9.75 -1.94
N PHE A 122 -28.00 -9.13 -3.12
CA PHE A 122 -29.15 -9.14 -4.03
C PHE A 122 -29.52 -10.54 -4.49
N ILE A 123 -28.52 -11.36 -4.84
CA ILE A 123 -28.78 -12.72 -5.31
C ILE A 123 -29.03 -13.70 -4.16
N ARG A 124 -28.51 -13.41 -2.98
CA ARG A 124 -28.63 -14.30 -1.82
C ARG A 124 -30.05 -14.38 -1.26
N ASN A 125 -30.77 -13.27 -1.22
CA ASN A 125 -32.07 -13.29 -0.55
C ASN A 125 -33.22 -13.83 -1.40
N GLU A 126 -34.08 -14.61 -0.75
CA GLU A 126 -35.18 -15.32 -1.40
C GLU A 126 -36.15 -14.44 -2.20
N THR A 127 -36.37 -13.21 -1.74
CA THR A 127 -37.32 -12.28 -2.36
C THR A 127 -37.09 -12.05 -3.85
N HIS A 128 -35.83 -12.17 -4.28
CA HIS A 128 -35.46 -12.03 -5.68
C HIS A 128 -35.34 -13.39 -6.34
N ASN A 129 -35.80 -13.48 -7.58
CA ASN A 129 -35.78 -14.75 -8.32
C ASN A 129 -35.07 -14.66 -9.68
N PRO A 130 -33.75 -14.38 -9.67
CA PRO A 130 -33.02 -14.22 -10.92
C PRO A 130 -32.87 -15.56 -11.64
N THR A 131 -33.12 -15.54 -12.94
CA THR A 131 -33.00 -16.75 -13.76
C THR A 131 -31.54 -17.01 -14.05
N VAL A 132 -31.28 -18.13 -14.72
CA VAL A 132 -29.94 -18.44 -15.21
C VAL A 132 -29.41 -17.28 -16.08
N LYS A 133 -30.27 -16.78 -16.98
CA LYS A 133 -29.91 -15.69 -17.89
C LYS A 133 -29.53 -14.41 -17.13
N ASP A 134 -30.32 -14.11 -16.08
CA ASP A 134 -30.05 -12.95 -15.21
C ASP A 134 -28.66 -13.01 -14.59
N LEU A 135 -28.29 -14.19 -14.08
CA LEU A 135 -27.00 -14.42 -13.43
C LEU A 135 -25.84 -14.44 -14.43
N ILE A 136 -26.08 -15.00 -15.61
CA ILE A 136 -25.10 -14.94 -16.69
C ILE A 136 -24.95 -13.48 -17.11
N GLY A 137 -26.08 -12.78 -17.19
CA GLY A 137 -26.11 -11.35 -17.49
C GLY A 137 -25.25 -10.54 -16.54
N PHE A 138 -25.53 -10.67 -15.24
CA PHE A 138 -24.74 -10.00 -14.23
C PHE A 138 -23.24 -10.28 -14.41
N GLY A 139 -22.91 -11.55 -14.64
CA GLY A 139 -21.52 -11.98 -14.85
C GLY A 139 -20.91 -11.36 -16.08
N LEU A 140 -21.72 -11.27 -17.14
CA LEU A 140 -21.34 -10.60 -18.37
C LEU A 140 -20.90 -9.16 -18.09
N GLN A 141 -21.76 -8.42 -17.39
CA GLN A 141 -21.49 -7.00 -17.08
C GLN A 141 -20.19 -6.79 -16.32
N VAL A 142 -19.92 -7.65 -15.35
CA VAL A 142 -18.66 -7.62 -14.61
C VAL A 142 -17.49 -7.76 -15.57
N ALA A 143 -17.61 -8.73 -16.49
CA ALA A 143 -16.55 -8.99 -17.46
C ALA A 143 -16.26 -7.74 -18.29
N LYS A 144 -17.32 -7.04 -18.70
CA LYS A 144 -17.18 -5.78 -19.43
C LYS A 144 -16.46 -4.76 -18.57
N GLY A 145 -16.91 -4.61 -17.32
CA GLY A 145 -16.28 -3.70 -16.38
C GLY A 145 -14.80 -3.98 -16.27
N MET A 146 -14.47 -5.26 -16.10
CA MET A 146 -13.09 -5.68 -15.98
C MET A 146 -12.35 -5.57 -17.32
N LYS A 147 -13.07 -5.66 -18.43
CA LYS A 147 -12.45 -5.52 -19.74
C LYS A 147 -11.94 -4.10 -19.93
N TYR A 148 -12.72 -3.14 -19.45
CA TYR A 148 -12.34 -1.73 -19.45
C TYR A 148 -11.13 -1.49 -18.56
N LEU A 149 -11.25 -1.89 -17.30
CA LEU A 149 -10.20 -1.68 -16.32
C LEU A 149 -8.86 -2.24 -16.79
N ALA A 150 -8.91 -3.40 -17.42
CA ALA A 150 -7.73 -4.04 -17.97
C ALA A 150 -7.11 -3.21 -19.09
N SER A 151 -7.95 -2.56 -19.89
CA SER A 151 -7.46 -1.72 -20.97
C SER A 151 -6.64 -0.55 -20.43
N LYS A 152 -7.11 0.06 -19.34
CA LYS A 152 -6.37 1.15 -18.67
C LYS A 152 -5.25 0.60 -17.80
N LYS A 153 -4.91 -0.67 -18.00
CA LYS A 153 -3.84 -1.36 -17.27
C LYS A 153 -3.93 -1.19 -15.75
N PHE A 154 -5.16 -1.32 -15.24
CA PHE A 154 -5.45 -1.26 -13.82
C PHE A 154 -5.76 -2.66 -13.31
N VAL A 155 -5.11 -3.04 -12.21
CA VAL A 155 -5.34 -4.34 -11.59
C VAL A 155 -6.25 -4.15 -10.36
N HIS A 156 -7.45 -4.75 -10.42
CA HIS A 156 -8.46 -4.62 -9.37
C HIS A 156 -7.99 -5.17 -8.01
N ARG A 157 -7.40 -6.37 -8.03
CA ARG A 157 -6.74 -6.95 -6.87
C ARG A 157 -7.67 -7.55 -5.80
N ASP A 158 -8.97 -7.25 -5.89
CA ASP A 158 -9.93 -7.64 -4.86
C ASP A 158 -11.34 -7.93 -5.43
N LEU A 159 -11.39 -8.60 -6.58
CA LEU A 159 -12.68 -8.89 -7.23
C LEU A 159 -13.49 -9.97 -6.50
N ALA A 160 -14.74 -9.65 -6.20
CA ALA A 160 -15.66 -10.55 -5.53
C ALA A 160 -17.08 -10.00 -5.69
N ALA A 161 -18.08 -10.87 -5.57
CA ALA A 161 -19.48 -10.44 -5.78
C ALA A 161 -19.92 -9.35 -4.81
N ARG A 162 -19.35 -9.36 -3.61
CA ARG A 162 -19.64 -8.34 -2.60
C ARG A 162 -19.17 -6.95 -3.05
N ASN A 163 -18.14 -6.91 -3.88
CA ASN A 163 -17.58 -5.66 -4.37
C ASN A 163 -18.19 -5.20 -5.69
N CYS A 164 -19.30 -5.81 -6.08
CA CYS A 164 -20.02 -5.39 -7.28
C CYS A 164 -21.35 -4.80 -6.86
N MET A 165 -21.68 -3.65 -7.44
CA MET A 165 -22.86 -2.92 -7.06
C MET A 165 -23.91 -3.05 -8.13
N LEU A 166 -25.15 -2.68 -7.80
CA LEU A 166 -26.28 -2.86 -8.70
C LEU A 166 -27.24 -1.68 -8.58
N ASP A 167 -27.37 -0.89 -9.65
CA ASP A 167 -28.19 0.32 -9.62
C ASP A 167 -29.66 0.03 -9.95
N GLU A 168 -30.49 1.07 -9.97
CA GLU A 168 -31.93 0.90 -10.11
C GLU A 168 -32.34 0.28 -11.46
N LYS A 169 -31.50 0.48 -12.48
CA LYS A 169 -31.70 -0.10 -13.80
C LYS A 169 -31.03 -1.47 -13.93
N PHE A 170 -30.61 -2.04 -12.80
CA PHE A 170 -29.93 -3.35 -12.75
C PHE A 170 -28.64 -3.40 -13.59
N THR A 171 -27.92 -2.29 -13.61
CA THR A 171 -26.58 -2.24 -14.18
C THR A 171 -25.61 -2.57 -13.07
N VAL A 172 -24.77 -3.60 -13.31
CA VAL A 172 -23.73 -3.99 -12.36
C VAL A 172 -22.57 -3.03 -12.46
N LYS A 173 -22.15 -2.49 -11.31
CA LYS A 173 -21.03 -1.56 -11.24
C LYS A 173 -19.93 -2.16 -10.40
N VAL A 174 -18.81 -2.48 -11.05
CA VAL A 174 -17.65 -3.01 -10.32
C VAL A 174 -17.08 -1.89 -9.43
N ALA A 175 -16.92 -2.22 -8.14
CA ALA A 175 -16.33 -1.31 -7.16
C ALA A 175 -15.11 -1.96 -6.53
N ASP A 176 -14.26 -1.16 -5.90
CA ASP A 176 -12.97 -1.64 -5.43
C ASP A 176 -12.91 -1.86 -3.92
N PHE A 177 -13.69 -1.07 -3.19
CA PHE A 177 -13.72 -1.08 -1.71
C PHE A 177 -12.34 -0.86 -1.05
N PRO A 200 -8.59 -12.18 1.49
CA PRO A 200 -9.53 -12.83 0.58
C PRO A 200 -8.86 -13.99 -0.17
N VAL A 201 -8.36 -14.96 0.60
CA VAL A 201 -7.56 -16.06 0.04
C VAL A 201 -8.33 -16.99 -0.90
N LYS A 202 -9.63 -17.12 -0.67
CA LYS A 202 -10.47 -18.01 -1.48
C LYS A 202 -10.89 -17.40 -2.82
N TRP A 203 -10.36 -16.21 -3.13
CA TRP A 203 -10.62 -15.55 -4.42
C TRP A 203 -9.35 -15.35 -5.21
N MET A 204 -8.21 -15.59 -4.57
CA MET A 204 -6.92 -15.29 -5.18
C MET A 204 -6.39 -16.38 -6.08
N ALA A 205 -5.68 -15.96 -7.13
CA ALA A 205 -4.96 -16.84 -8.01
C ALA A 205 -3.88 -17.60 -7.23
N LEU A 206 -3.45 -18.74 -7.78
CA LEU A 206 -2.46 -19.60 -7.12
C LEU A 206 -1.17 -18.86 -6.83
N GLU A 207 -0.64 -18.19 -7.85
CA GLU A 207 0.62 -17.45 -7.76
C GLU A 207 0.52 -16.21 -6.85
N SER A 208 -0.69 -15.67 -6.68
CA SER A 208 -0.91 -14.58 -5.74
C SER A 208 -0.72 -15.05 -4.30
N LEU A 209 -0.97 -16.35 -4.06
CA LEU A 209 -0.90 -16.93 -2.72
C LEU A 209 0.52 -17.36 -2.30
N GLN A 210 1.43 -17.44 -3.27
CA GLN A 210 2.79 -17.89 -3.01
C GLN A 210 3.86 -16.85 -3.36
N THR A 211 3.65 -16.14 -4.48
CA THR A 211 4.61 -15.14 -4.96
C THR A 211 4.15 -13.70 -4.65
N GLN A 212 2.93 -13.57 -4.12
CA GLN A 212 2.26 -12.28 -3.87
C GLN A 212 2.14 -11.42 -5.15
N LYS A 213 2.06 -12.09 -6.30
CA LYS A 213 1.94 -11.39 -7.59
C LYS A 213 0.47 -11.18 -7.97
N PHE A 214 0.13 -9.93 -8.25
CA PHE A 214 -1.20 -9.58 -8.73
C PHE A 214 -1.11 -8.96 -10.11
N THR A 215 -1.84 -9.54 -11.06
CA THR A 215 -1.85 -9.05 -12.43
C THR A 215 -3.27 -9.02 -12.96
N THR A 216 -3.43 -8.56 -14.19
CA THR A 216 -4.72 -8.60 -14.87
C THR A 216 -5.24 -10.03 -14.97
N LYS A 217 -4.31 -10.99 -15.11
CA LYS A 217 -4.64 -12.42 -15.19
C LYS A 217 -5.00 -12.99 -13.82
N SER A 218 -4.46 -12.38 -12.77
CA SER A 218 -4.81 -12.74 -11.42
C SER A 218 -6.24 -12.30 -11.14
N ASP A 219 -6.65 -11.18 -11.74
CA ASP A 219 -8.03 -10.70 -11.65
C ASP A 219 -8.95 -11.66 -12.39
N VAL A 220 -8.43 -12.28 -13.45
CA VAL A 220 -9.21 -13.23 -14.25
C VAL A 220 -9.60 -14.44 -13.40
N TRP A 221 -8.65 -14.92 -12.60
CA TRP A 221 -8.95 -15.98 -11.65
C TRP A 221 -10.10 -15.58 -10.75
N SER A 222 -9.98 -14.43 -10.10
CA SER A 222 -11.02 -13.95 -9.20
C SER A 222 -12.38 -13.78 -9.89
N PHE A 223 -12.36 -13.32 -11.13
CA PHE A 223 -13.60 -13.26 -11.92
C PHE A 223 -14.25 -14.65 -12.00
N GLY A 224 -13.43 -15.67 -12.24
CA GLY A 224 -13.90 -17.05 -12.19
C GLY A 224 -14.71 -17.33 -10.94
N VAL A 225 -14.10 -17.09 -9.79
CA VAL A 225 -14.74 -17.26 -8.48
C VAL A 225 -16.04 -16.44 -8.38
N LEU A 226 -15.99 -15.20 -8.86
CA LEU A 226 -17.19 -14.37 -8.93
C LEU A 226 -18.30 -15.03 -9.73
N LEU A 227 -17.96 -15.67 -10.85
CA LEU A 227 -18.94 -16.39 -11.67
C LEU A 227 -19.58 -17.53 -10.88
N TRP A 228 -18.73 -18.29 -10.18
CA TRP A 228 -19.18 -19.33 -9.27
C TRP A 228 -20.19 -18.75 -8.26
N GLU A 229 -19.86 -17.60 -7.68
CA GLU A 229 -20.76 -16.94 -6.74
C GLU A 229 -22.10 -16.65 -7.39
N LEU A 230 -22.06 -16.13 -8.61
CA LEU A 230 -23.27 -15.77 -9.33
C LEU A 230 -24.17 -16.97 -9.65
N MET A 231 -23.55 -18.07 -10.06
CA MET A 231 -24.30 -19.24 -10.48
C MET A 231 -24.69 -20.14 -9.29
N THR A 232 -24.22 -19.77 -8.10
CA THR A 232 -24.61 -20.44 -6.86
C THR A 232 -25.59 -19.58 -6.09
N ARG A 233 -25.87 -18.39 -6.65
CA ARG A 233 -26.68 -17.36 -5.97
C ARG A 233 -26.11 -16.96 -4.61
N GLY A 234 -24.78 -16.85 -4.54
CA GLY A 234 -24.12 -16.28 -3.38
C GLY A 234 -23.69 -17.22 -2.28
N ALA A 235 -23.42 -18.48 -2.65
CA ALA A 235 -22.87 -19.47 -1.72
C ALA A 235 -21.44 -19.08 -1.37
N PRO A 236 -21.00 -19.41 -0.14
CA PRO A 236 -19.58 -19.19 0.17
C PRO A 236 -18.70 -20.20 -0.56
N PRO A 237 -17.65 -19.72 -1.23
CA PRO A 237 -16.76 -20.63 -1.94
C PRO A 237 -15.88 -21.44 -0.99
N TYR A 238 -15.56 -22.66 -1.41
CA TYR A 238 -14.81 -23.63 -0.60
C TYR A 238 -15.28 -23.65 0.86
N PRO A 239 -16.54 -24.04 1.10
CA PRO A 239 -17.08 -23.95 2.47
C PRO A 239 -16.38 -24.88 3.47
N ASP A 240 -15.80 -25.98 3.01
CA ASP A 240 -15.20 -26.98 3.89
C ASP A 240 -13.67 -26.99 3.96
N VAL A 241 -13.05 -25.85 3.65
CA VAL A 241 -11.60 -25.72 3.79
C VAL A 241 -11.21 -24.49 4.60
N ASN A 242 -10.13 -24.62 5.37
CA ASN A 242 -9.59 -23.51 6.13
C ASN A 242 -8.80 -22.57 5.23
N THR A 243 -8.74 -21.30 5.62
CA THR A 243 -8.10 -20.24 4.84
C THR A 243 -6.64 -20.56 4.48
N PHE A 244 -5.97 -21.29 5.35
CA PHE A 244 -4.56 -21.66 5.15
C PHE A 244 -4.37 -22.93 4.31
N ASP A 245 -5.36 -23.83 4.37
CA ASP A 245 -5.32 -25.10 3.63
C ASP A 245 -5.61 -24.93 2.15
N ILE A 246 -6.11 -23.75 1.75
CA ILE A 246 -6.52 -23.48 0.36
C ILE A 246 -5.37 -23.67 -0.64
N THR A 247 -4.16 -23.29 -0.23
CA THR A 247 -3.01 -23.32 -1.13
C THR A 247 -2.72 -24.74 -1.59
N VAL A 248 -2.59 -25.67 -0.64
CA VAL A 248 -2.36 -27.09 -0.98
C VAL A 248 -3.58 -27.72 -1.65
N TYR A 249 -4.77 -27.30 -1.23
CA TYR A 249 -6.03 -27.77 -1.82
C TYR A 249 -6.02 -27.58 -3.34
N LEU A 250 -5.74 -26.35 -3.78
CA LEU A 250 -5.71 -26.04 -5.20
C LEU A 250 -4.60 -26.79 -5.93
N LEU A 251 -3.54 -27.11 -5.20
CA LEU A 251 -2.40 -27.84 -5.76
C LEU A 251 -2.68 -29.33 -5.93
N GLN A 252 -3.72 -29.83 -5.25
CA GLN A 252 -4.21 -31.20 -5.45
C GLN A 252 -5.03 -31.28 -6.74
N GLY A 253 -5.02 -30.20 -7.52
CA GLY A 253 -5.80 -30.11 -8.75
C GLY A 253 -7.28 -29.88 -8.53
N ARG A 254 -7.69 -29.78 -7.27
CA ARG A 254 -9.09 -29.56 -6.91
C ARG A 254 -9.60 -28.17 -7.29
N ARG A 255 -10.85 -28.12 -7.73
CA ARG A 255 -11.49 -26.87 -8.13
C ARG A 255 -12.88 -26.76 -7.54
N LEU A 256 -13.50 -25.60 -7.68
CA LEU A 256 -14.89 -25.40 -7.26
C LEU A 256 -15.82 -26.23 -8.14
N LEU A 257 -16.81 -26.86 -7.51
CA LEU A 257 -17.73 -27.75 -8.21
C LEU A 257 -18.81 -26.97 -8.94
N GLN A 258 -19.28 -27.55 -10.04
CA GLN A 258 -20.23 -26.88 -10.92
C GLN A 258 -21.52 -26.55 -10.16
N PRO A 259 -21.83 -25.25 -10.06
CA PRO A 259 -23.03 -24.73 -9.42
C PRO A 259 -24.31 -25.20 -10.11
N GLU A 260 -25.40 -25.26 -9.35
CA GLU A 260 -26.68 -25.76 -9.85
C GLU A 260 -27.30 -24.93 -11.00
N TYR A 261 -27.01 -23.64 -11.04
CA TYR A 261 -27.52 -22.79 -12.12
C TYR A 261 -26.60 -22.72 -13.33
N CYS A 262 -25.38 -23.24 -13.20
CA CYS A 262 -24.35 -23.06 -14.22
C CYS A 262 -24.41 -24.09 -15.34
N PRO A 263 -24.59 -23.63 -16.59
CA PRO A 263 -24.62 -24.50 -17.75
C PRO A 263 -23.22 -24.97 -18.12
N ASP A 264 -23.15 -26.19 -18.67
CA ASP A 264 -21.89 -26.83 -19.07
C ASP A 264 -20.87 -25.90 -19.74
N PRO A 265 -21.29 -25.09 -20.74
CA PRO A 265 -20.28 -24.24 -21.37
C PRO A 265 -19.79 -23.09 -20.48
N LEU A 266 -20.60 -22.64 -19.54
CA LEU A 266 -20.18 -21.60 -18.62
C LEU A 266 -19.22 -22.13 -17.55
N TYR A 267 -19.35 -23.40 -17.20
CA TYR A 267 -18.46 -24.02 -16.21
C TYR A 267 -17.08 -24.27 -16.79
N GLU A 268 -17.03 -24.52 -18.09
CA GLU A 268 -15.78 -24.68 -18.81
C GLU A 268 -15.01 -23.37 -18.82
N VAL A 269 -15.73 -22.26 -18.95
CA VAL A 269 -15.14 -20.93 -18.84
C VAL A 269 -14.45 -20.79 -17.48
N MET A 270 -15.16 -21.11 -16.41
CA MET A 270 -14.64 -20.98 -15.05
C MET A 270 -13.30 -21.69 -14.91
N LEU A 271 -13.29 -22.98 -15.27
CA LEU A 271 -12.11 -23.82 -15.15
C LEU A 271 -10.87 -23.24 -15.84
N LYS A 272 -11.09 -22.57 -16.96
CA LYS A 272 -10.03 -21.87 -17.67
C LYS A 272 -9.46 -20.70 -16.84
N CYS A 273 -10.35 -20.02 -16.10
CA CYS A 273 -9.94 -18.94 -15.21
C CYS A 273 -9.16 -19.47 -14.02
N TRP A 274 -9.22 -20.78 -13.81
CA TRP A 274 -8.53 -21.37 -12.66
C TRP A 274 -7.31 -22.21 -13.04
N HIS A 275 -6.81 -21.98 -14.25
CA HIS A 275 -5.54 -22.56 -14.69
C HIS A 275 -4.42 -21.99 -13.83
N PRO A 276 -3.44 -22.83 -13.44
CA PRO A 276 -2.33 -22.40 -12.60
C PRO A 276 -1.31 -21.46 -13.28
N LYS A 277 -1.23 -21.53 -14.61
CA LYS A 277 -0.34 -20.65 -15.36
C LYS A 277 -1.11 -19.46 -15.91
N ALA A 278 -0.89 -18.30 -15.27
CA ALA A 278 -1.59 -17.05 -15.60
C ALA A 278 -1.76 -16.80 -17.10
N GLU A 279 -0.74 -17.14 -17.88
CA GLU A 279 -0.72 -16.96 -19.33
C GLU A 279 -1.74 -17.84 -20.06
N MET A 280 -1.98 -19.03 -19.52
CA MET A 280 -2.99 -19.97 -20.06
C MET A 280 -4.43 -19.43 -19.91
N ARG A 281 -4.68 -18.72 -18.81
CA ARG A 281 -5.99 -18.15 -18.49
C ARG A 281 -6.47 -17.18 -19.57
N PRO A 282 -7.79 -17.12 -19.78
CA PRO A 282 -8.28 -16.21 -20.81
C PRO A 282 -8.20 -14.73 -20.39
N SER A 283 -8.09 -13.86 -21.39
CA SER A 283 -8.13 -12.42 -21.17
C SER A 283 -9.59 -12.02 -20.89
N PHE A 284 -9.78 -10.84 -20.31
CA PHE A 284 -11.12 -10.34 -20.05
C PHE A 284 -11.87 -10.05 -21.35
N SER A 285 -11.13 -9.62 -22.37
CA SER A 285 -11.70 -9.39 -23.70
C SER A 285 -12.30 -10.67 -24.29
N GLU A 286 -11.63 -11.81 -24.03
CA GLU A 286 -12.08 -13.11 -24.48
C GLU A 286 -13.36 -13.52 -23.77
N LEU A 287 -13.34 -13.41 -22.43
CA LEU A 287 -14.48 -13.76 -21.57
C LEU A 287 -15.74 -13.00 -21.97
N VAL A 288 -15.59 -11.73 -22.33
CA VAL A 288 -16.73 -10.90 -22.74
C VAL A 288 -17.44 -11.50 -23.95
N SER A 289 -16.69 -11.78 -25.01
CA SER A 289 -17.28 -12.28 -26.26
C SER A 289 -17.74 -13.73 -26.13
N ARG A 290 -17.06 -14.51 -25.30
CA ARG A 290 -17.44 -15.89 -25.06
C ARG A 290 -18.72 -15.97 -24.22
N ILE A 291 -18.70 -15.35 -23.03
CA ILE A 291 -19.87 -15.32 -22.15
C ILE A 291 -21.09 -14.71 -22.83
N SER A 292 -20.85 -13.66 -23.62
CA SER A 292 -21.88 -13.02 -24.43
C SER A 292 -22.54 -13.99 -25.39
N ALA A 293 -21.73 -14.84 -26.02
CA ALA A 293 -22.23 -15.88 -26.93
C ALA A 293 -23.21 -16.78 -26.19
N ILE A 294 -22.77 -17.31 -25.05
CA ILE A 294 -23.61 -18.14 -24.18
C ILE A 294 -24.89 -17.40 -23.78
N PHE A 295 -24.73 -16.18 -23.27
CA PHE A 295 -25.85 -15.36 -22.80
C PHE A 295 -26.99 -15.27 -23.81
N SER A 296 -26.63 -15.19 -25.08
CA SER A 296 -27.60 -15.03 -26.18
C SER A 296 -28.39 -16.31 -26.47
N THR A 297 -27.83 -17.47 -26.13
CA THR A 297 -28.57 -18.73 -26.26
C THR A 297 -29.71 -18.81 -25.26
N PHE A 298 -29.61 -18.05 -24.17
CA PHE A 298 -30.61 -18.09 -23.12
C PHE A 298 -31.73 -17.08 -23.29
N ILE A 299 -32.93 -17.47 -22.83
CA ILE A 299 -34.09 -16.58 -22.78
C ILE A 299 -34.73 -16.61 -21.39
N GLY A 300 -35.69 -15.72 -21.15
CA GLY A 300 -36.36 -15.64 -19.85
C GLY A 300 -35.57 -14.82 -18.85
N GLU A 301 -36.01 -13.60 -18.60
CA GLU A 301 -35.25 -12.62 -17.83
C GLU A 301 -36.18 -11.83 -16.92
N HIS A 302 -35.81 -11.72 -15.64
CA HIS A 302 -36.59 -10.92 -14.69
C HIS A 302 -35.95 -9.56 -14.39
N TYR A 303 -34.65 -9.45 -14.69
CA TYR A 303 -33.90 -8.21 -14.48
C TYR A 303 -33.10 -7.86 -15.75
N VAL A 304 -33.57 -6.85 -16.48
CA VAL A 304 -32.99 -6.51 -17.79
C VAL A 304 -32.04 -5.29 -17.77
N HIS A 305 -31.20 -5.19 -18.81
CA HIS A 305 -30.24 -4.07 -19.02
C HIS A 305 -28.99 -4.13 -18.12
N ASP B 8 6.08 0.50 -20.10
CA ASP B 8 4.75 1.18 -20.22
C ASP B 8 4.83 2.69 -20.01
N LEU B 9 4.48 3.44 -21.05
CA LEU B 9 4.56 4.91 -21.05
C LEU B 9 3.62 5.55 -20.03
N SER B 10 3.71 6.87 -19.89
CA SER B 10 2.78 7.65 -19.06
C SER B 10 1.36 7.57 -19.61
N ALA B 11 0.71 6.44 -19.35
CA ALA B 11 -0.72 6.25 -19.54
C ALA B 11 -1.41 6.59 -18.21
N LEU B 12 -0.73 7.44 -17.44
CA LEU B 12 -1.16 7.85 -16.12
C LEU B 12 -1.96 9.15 -16.26
N ASN B 13 -2.53 9.60 -15.15
CA ASN B 13 -3.27 10.86 -15.14
C ASN B 13 -2.37 12.06 -15.41
N PRO B 14 -2.72 12.86 -16.44
CA PRO B 14 -1.97 14.05 -16.83
C PRO B 14 -1.68 15.01 -15.67
N GLU B 15 -2.66 15.25 -14.80
CA GLU B 15 -2.50 16.20 -13.69
C GLU B 15 -1.50 15.69 -12.65
N LEU B 16 -1.45 14.37 -12.47
CA LEU B 16 -0.48 13.73 -11.59
C LEU B 16 0.92 13.80 -12.20
N VAL B 17 1.02 13.42 -13.48
CA VAL B 17 2.27 13.54 -14.25
C VAL B 17 2.85 14.95 -14.14
N GLN B 18 1.98 15.96 -14.16
CA GLN B 18 2.38 17.35 -13.96
C GLN B 18 3.01 17.58 -12.59
N ALA B 19 2.42 16.94 -11.57
CA ALA B 19 2.91 17.07 -10.20
C ALA B 19 4.22 16.31 -9.96
N VAL B 20 4.42 15.22 -10.70
CA VAL B 20 5.60 14.38 -10.56
C VAL B 20 6.84 14.97 -11.25
N GLN B 21 6.62 15.83 -12.25
CA GLN B 21 7.68 16.33 -13.14
C GLN B 21 8.98 16.76 -12.46
N HIS B 22 8.90 17.31 -11.25
CA HIS B 22 10.09 17.82 -10.57
C HIS B 22 10.93 16.71 -9.94
N VAL B 23 10.38 15.49 -9.91
CA VAL B 23 11.02 14.34 -9.29
C VAL B 23 11.59 13.39 -10.35
N VAL B 24 11.09 13.49 -11.58
CA VAL B 24 11.57 12.62 -12.64
C VAL B 24 12.90 13.11 -13.23
N ILE B 25 13.79 12.16 -13.45
CA ILE B 25 15.07 12.42 -14.10
C ILE B 25 14.96 12.01 -15.56
N GLY B 26 15.33 12.92 -16.46
CA GLY B 26 15.48 12.58 -17.86
C GLY B 26 16.63 11.62 -17.98
N PRO B 27 16.38 10.45 -18.61
CA PRO B 27 17.40 9.39 -18.65
C PRO B 27 18.62 9.75 -19.50
N SER B 28 18.54 10.84 -20.25
CA SER B 28 19.70 11.35 -20.97
C SER B 28 20.71 12.03 -20.03
N SER B 29 20.34 12.20 -18.77
CA SER B 29 21.28 12.74 -17.78
C SER B 29 21.70 11.70 -16.75
N LEU B 30 21.51 10.43 -17.08
CA LEU B 30 21.88 9.34 -16.19
C LEU B 30 22.61 8.20 -16.92
N ILE B 31 23.71 7.77 -16.33
CA ILE B 31 24.35 6.51 -16.72
C ILE B 31 24.27 5.57 -15.53
N VAL B 32 23.80 4.36 -15.77
CA VAL B 32 23.78 3.33 -14.75
C VAL B 32 24.77 2.24 -15.13
N HIS B 33 25.71 1.95 -14.23
CA HIS B 33 26.62 0.83 -14.41
C HIS B 33 25.99 -0.46 -13.89
N PHE B 34 25.26 -1.16 -14.75
CA PHE B 34 24.58 -2.41 -14.36
C PHE B 34 25.55 -3.56 -14.03
N ASN B 35 26.81 -3.40 -14.38
CA ASN B 35 27.84 -4.37 -14.02
C ASN B 35 28.50 -4.06 -12.66
N GLU B 36 28.31 -2.83 -12.17
CA GLU B 36 28.91 -2.40 -10.92
C GLU B 36 27.87 -2.38 -9.80
N VAL B 37 27.77 -3.50 -9.08
CA VAL B 37 26.79 -3.65 -8.01
C VAL B 37 27.33 -3.09 -6.70
N ILE B 38 26.54 -2.22 -6.07
CA ILE B 38 26.96 -1.50 -4.88
C ILE B 38 26.71 -2.30 -3.59
N GLY B 39 25.52 -2.86 -3.45
CA GLY B 39 25.19 -3.67 -2.27
C GLY B 39 24.32 -4.84 -2.65
N ARG B 40 24.55 -5.98 -2.01
CA ARG B 40 23.84 -7.22 -2.32
C ARG B 40 23.12 -7.80 -1.08
N GLY B 41 21.78 -7.86 -1.16
CA GLY B 41 20.96 -8.34 -0.04
C GLY B 41 20.23 -7.22 0.67
N HIS B 42 19.04 -7.54 1.19
CA HIS B 42 18.10 -6.58 1.81
C HIS B 42 17.66 -5.44 0.87
N PHE B 43 18.62 -4.69 0.34
CA PHE B 43 18.34 -3.64 -0.63
C PHE B 43 18.26 -4.18 -2.05
N GLY B 44 18.39 -5.50 -2.19
CA GLY B 44 18.30 -6.15 -3.49
C GLY B 44 19.40 -5.67 -4.39
N CYS B 45 19.05 -5.28 -5.61
CA CYS B 45 20.05 -4.85 -6.58
C CYS B 45 20.18 -3.34 -6.78
N VAL B 46 21.28 -2.83 -6.21
CA VAL B 46 21.65 -1.43 -6.24
C VAL B 46 22.87 -1.29 -7.15
N TYR B 47 22.90 -0.23 -7.96
CA TYR B 47 23.96 -0.07 -8.92
C TYR B 47 24.63 1.29 -8.81
N HIS B 48 25.92 1.34 -9.12
CA HIS B 48 26.62 2.62 -9.22
C HIS B 48 26.05 3.39 -10.42
N GLY B 49 25.82 4.68 -10.20
CA GLY B 49 25.33 5.58 -11.23
C GLY B 49 25.99 6.94 -11.23
N THR B 50 25.78 7.68 -12.31
CA THR B 50 26.32 9.02 -12.50
C THR B 50 25.18 9.88 -13.01
N LEU B 51 24.87 10.94 -12.27
CA LEU B 51 23.76 11.83 -12.61
C LEU B 51 24.29 13.21 -12.96
N LEU B 52 23.68 13.85 -13.95
CA LEU B 52 23.96 15.24 -14.22
C LEU B 52 22.84 16.06 -13.63
N ASP B 53 23.17 16.90 -12.65
CA ASP B 53 22.16 17.74 -12.00
C ASP B 53 21.68 18.87 -12.90
N ASN B 54 20.67 19.61 -12.44
CA ASN B 54 20.10 20.74 -13.19
C ASN B 54 21.17 21.52 -13.92
N ASP B 55 22.24 21.88 -13.19
CA ASP B 55 23.31 22.71 -13.74
C ASP B 55 24.40 21.92 -14.48
N GLY B 56 24.22 20.60 -14.59
CA GLY B 56 25.12 19.75 -15.37
C GLY B 56 26.33 19.18 -14.65
N LYS B 57 26.34 19.24 -13.32
CA LYS B 57 27.41 18.64 -12.52
C LYS B 57 27.23 17.13 -12.40
N LYS B 58 28.35 16.39 -12.54
CA LYS B 58 28.38 14.95 -12.32
C LYS B 58 28.16 14.65 -10.84
N ILE B 59 27.18 13.80 -10.55
CA ILE B 59 26.97 13.36 -9.18
C ILE B 59 26.99 11.84 -9.09
N HIS B 60 27.89 11.35 -8.24
CA HIS B 60 28.05 9.93 -7.98
C HIS B 60 26.87 9.45 -7.14
N CYS B 61 26.13 8.47 -7.67
CA CYS B 61 24.92 8.02 -7.00
C CYS B 61 24.73 6.50 -6.95
N ALA B 62 23.73 6.09 -6.19
CA ALA B 62 23.31 4.70 -6.15
C ALA B 62 21.94 4.62 -6.80
N VAL B 63 21.77 3.62 -7.66
CA VAL B 63 20.54 3.46 -8.41
C VAL B 63 19.95 2.08 -8.12
N LYS B 64 18.70 2.08 -7.69
CA LYS B 64 17.98 0.85 -7.41
C LYS B 64 16.92 0.64 -8.47
N SER B 65 16.80 -0.59 -8.96
CA SER B 65 15.74 -0.93 -9.90
C SER B 65 14.54 -1.51 -9.15
N LEU B 66 13.35 -1.03 -9.50
CA LEU B 66 12.11 -1.46 -8.84
C LEU B 66 11.41 -2.52 -9.68
N ASN B 67 11.85 -3.76 -9.54
CA ASN B 67 11.41 -4.86 -10.38
C ASN B 67 9.92 -5.21 -10.32
N ARG B 68 9.30 -4.95 -9.17
CA ARG B 68 7.88 -5.27 -8.97
C ARG B 68 6.91 -4.30 -9.67
N ILE B 69 7.15 -3.00 -9.51
CA ILE B 69 6.25 -1.95 -10.01
C ILE B 69 5.91 -2.11 -11.49
N THR B 70 4.63 -2.35 -11.78
CA THR B 70 4.18 -2.64 -13.16
C THR B 70 2.91 -1.89 -13.57
N ASP B 71 1.78 -2.22 -12.93
CA ASP B 71 0.47 -1.64 -13.29
C ASP B 71 0.33 -0.14 -12.94
N ILE B 72 -0.65 0.52 -13.56
CA ILE B 72 -0.89 1.96 -13.35
C ILE B 72 -0.97 2.38 -11.87
N GLY B 73 -1.63 1.57 -11.04
CA GLY B 73 -1.79 1.87 -9.62
C GLY B 73 -0.48 1.85 -8.85
N GLU B 74 0.33 0.82 -9.09
CA GLU B 74 1.66 0.71 -8.50
C GLU B 74 2.56 1.89 -8.87
N VAL B 75 2.62 2.22 -10.16
CA VAL B 75 3.48 3.31 -10.64
C VAL B 75 3.02 4.63 -10.03
N SER B 76 1.70 4.84 -10.04
CA SER B 76 1.11 6.05 -9.49
C SER B 76 1.45 6.22 -8.02
N GLN B 77 1.37 5.14 -7.25
CA GLN B 77 1.77 5.17 -5.84
C GLN B 77 3.27 5.50 -5.69
N PHE B 78 4.08 4.79 -6.45
CA PHE B 78 5.52 5.01 -6.49
C PHE B 78 5.83 6.48 -6.76
N LEU B 79 5.12 7.07 -7.72
CA LEU B 79 5.29 8.47 -8.06
C LEU B 79 4.92 9.39 -6.91
N THR B 80 3.76 9.16 -6.32
CA THR B 80 3.32 10.00 -5.20
C THR B 80 4.26 9.91 -3.99
N GLU B 81 4.74 8.70 -3.70
CA GLU B 81 5.74 8.53 -2.65
C GLU B 81 7.05 9.28 -2.96
N GLY B 82 7.40 9.37 -4.24
CA GLY B 82 8.58 10.13 -4.68
C GLY B 82 8.42 11.61 -4.46
N ILE B 83 7.20 12.11 -4.69
CA ILE B 83 6.86 13.50 -4.47
C ILE B 83 7.04 13.89 -2.99
N ILE B 84 6.67 12.97 -2.09
CA ILE B 84 6.82 13.17 -0.66
C ILE B 84 8.30 13.18 -0.27
N MET B 85 9.03 12.13 -0.67
CA MET B 85 10.44 12.00 -0.31
C MET B 85 11.27 13.17 -0.85
N LYS B 86 10.95 13.61 -2.08
CA LYS B 86 11.69 14.70 -2.72
C LYS B 86 11.61 15.99 -1.92
N ASP B 87 10.47 16.26 -1.27
CA ASP B 87 10.28 17.48 -0.49
C ASP B 87 11.16 17.51 0.76
N PHE B 88 11.33 16.35 1.39
CA PHE B 88 12.17 16.25 2.59
C PHE B 88 13.56 16.87 2.39
N SER B 89 13.97 17.67 3.37
CA SER B 89 15.28 18.30 3.37
C SER B 89 15.81 18.46 4.80
N HIS B 90 16.59 17.47 5.25
CA HIS B 90 17.24 17.45 6.57
C HIS B 90 18.54 16.66 6.44
N PRO B 91 19.62 17.12 7.11
CA PRO B 91 20.90 16.41 7.00
C PRO B 91 20.89 14.95 7.47
N ASN B 92 19.88 14.56 8.22
CA ASN B 92 19.81 13.19 8.75
C ASN B 92 18.71 12.34 8.11
N VAL B 93 18.29 12.73 6.91
CA VAL B 93 17.35 11.95 6.13
C VAL B 93 17.94 11.77 4.73
N LEU B 94 18.00 10.53 4.25
CA LEU B 94 18.45 10.27 2.88
C LEU B 94 17.56 11.00 1.88
N SER B 95 18.17 11.89 1.11
CA SER B 95 17.45 12.63 0.08
C SER B 95 17.29 11.80 -1.18
N LEU B 96 16.27 12.15 -1.96
CA LEU B 96 15.99 11.49 -3.21
C LEU B 96 16.47 12.42 -4.31
N LEU B 97 17.31 11.92 -5.19
CA LEU B 97 17.82 12.73 -6.29
C LEU B 97 16.78 12.76 -7.40
N GLY B 98 16.04 11.67 -7.54
CA GLY B 98 14.97 11.60 -8.52
C GLY B 98 14.57 10.19 -8.87
N ILE B 99 13.58 10.08 -9.74
CA ILE B 99 13.12 8.78 -10.24
C ILE B 99 13.18 8.75 -11.76
N CYS B 100 13.41 7.56 -12.30
CA CYS B 100 13.64 7.39 -13.73
C CYS B 100 12.64 6.37 -14.27
N LEU B 101 11.76 6.82 -15.16
CA LEU B 101 10.73 5.93 -15.73
C LEU B 101 11.10 5.45 -17.12
N ARG B 102 11.65 4.25 -17.20
CA ARG B 102 12.11 3.69 -18.46
C ARG B 102 10.97 3.01 -19.22
N SER B 103 10.92 3.24 -20.53
CA SER B 103 9.91 2.63 -21.40
C SER B 103 10.11 1.12 -21.54
N GLU B 104 11.36 0.70 -21.71
CA GLU B 104 11.67 -0.72 -21.88
C GLU B 104 12.19 -1.41 -20.60
N GLY B 105 12.03 -0.77 -19.44
CA GLY B 105 12.45 -1.36 -18.15
C GLY B 105 11.76 -0.78 -16.93
N SER B 106 11.79 -1.53 -15.82
CA SER B 106 11.15 -1.10 -14.57
C SER B 106 11.80 0.18 -14.00
N PRO B 107 11.04 0.95 -13.20
CA PRO B 107 11.53 2.26 -12.75
C PRO B 107 12.79 2.23 -11.89
N LEU B 108 13.55 3.31 -11.95
CA LEU B 108 14.77 3.44 -11.18
C LEU B 108 14.67 4.53 -10.13
N VAL B 109 15.08 4.21 -8.91
CA VAL B 109 15.22 5.21 -7.85
C VAL B 109 16.69 5.65 -7.79
N VAL B 110 16.92 6.96 -7.71
CA VAL B 110 18.27 7.52 -7.72
C VAL B 110 18.57 8.25 -6.41
N LEU B 111 19.60 7.79 -5.70
CA LEU B 111 19.96 8.31 -4.39
C LEU B 111 21.43 8.69 -4.33
N PRO B 112 21.80 9.64 -3.44
CA PRO B 112 23.20 10.05 -3.33
C PRO B 112 24.04 8.90 -2.83
N TYR B 113 25.27 8.76 -3.33
CA TYR B 113 26.12 7.65 -2.93
C TYR B 113 26.54 7.79 -1.47
N MET B 114 26.35 6.70 -0.71
CA MET B 114 26.73 6.67 0.70
C MET B 114 27.98 5.81 0.87
N LYS B 115 29.11 6.45 1.18
CA LYS B 115 30.40 5.75 1.26
C LYS B 115 30.39 4.47 2.11
N HIS B 116 29.83 4.57 3.31
CA HIS B 116 29.97 3.49 4.28
C HIS B 116 28.73 2.62 4.40
N GLY B 117 27.88 2.66 3.39
CA GLY B 117 26.73 1.77 3.31
C GLY B 117 25.78 1.94 4.48
N ASP B 118 25.14 0.85 4.90
CA ASP B 118 24.17 0.94 5.96
C ASP B 118 24.84 0.82 7.31
N LEU B 119 24.18 1.41 8.31
CA LEU B 119 24.74 1.56 9.65
C LEU B 119 24.98 0.21 10.32
N ARG B 120 24.09 -0.75 10.07
CA ARG B 120 24.20 -2.06 10.68
C ARG B 120 25.41 -2.84 10.15
N ASN B 121 25.58 -2.83 8.83
CA ASN B 121 26.73 -3.49 8.19
C ASN B 121 28.04 -2.87 8.64
N PHE B 122 28.03 -1.56 8.89
CA PHE B 122 29.22 -0.81 9.30
C PHE B 122 29.69 -1.15 10.71
N ILE B 123 28.74 -1.38 11.62
CA ILE B 123 29.06 -1.61 13.03
C ILE B 123 29.36 -3.08 13.32
N ARG B 124 28.79 -3.98 12.51
CA ARG B 124 29.01 -5.42 12.62
C ARG B 124 30.43 -5.80 12.22
N ASN B 125 30.93 -5.11 11.21
CA ASN B 125 32.30 -5.25 10.71
C ASN B 125 33.32 -5.03 11.83
N GLU B 126 34.12 -6.06 12.09
CA GLU B 126 35.14 -6.03 13.16
C GLU B 126 36.32 -5.09 12.88
N THR B 127 36.52 -4.75 11.60
CA THR B 127 37.56 -3.79 11.16
C THR B 127 37.28 -2.37 11.68
N HIS B 128 36.01 -2.06 11.92
CA HIS B 128 35.62 -0.76 12.46
C HIS B 128 35.62 -0.76 14.00
N ASN B 129 36.06 0.34 14.59
CA ASN B 129 36.18 0.45 16.05
C ASN B 129 35.38 1.60 16.68
N PRO B 130 34.05 1.54 16.60
CA PRO B 130 33.26 2.67 17.12
C PRO B 130 33.17 2.63 18.64
N THR B 131 33.47 3.76 19.26
CA THR B 131 33.40 3.89 20.72
C THR B 131 31.96 3.88 21.20
N VAL B 132 31.75 3.82 22.52
CA VAL B 132 30.42 3.96 23.09
C VAL B 132 29.85 5.33 22.67
N LYS B 133 30.68 6.36 22.72
CA LYS B 133 30.27 7.71 22.31
C LYS B 133 29.88 7.77 20.83
N ASP B 134 30.56 6.96 20.02
CA ASP B 134 30.30 6.90 18.57
C ASP B 134 28.92 6.32 18.27
N LEU B 135 28.58 5.26 18.99
CA LEU B 135 27.30 4.57 18.82
C LEU B 135 26.12 5.43 19.27
N ILE B 136 26.31 6.11 20.40
CA ILE B 136 25.30 7.04 20.93
C ILE B 136 25.12 8.22 19.97
N GLY B 137 26.24 8.72 19.44
CA GLY B 137 26.22 9.79 18.44
C GLY B 137 25.41 9.44 17.20
N PHE B 138 25.56 8.20 16.73
CA PHE B 138 24.78 7.71 15.60
C PHE B 138 23.30 7.67 15.96
N GLY B 139 23.02 7.25 17.20
CA GLY B 139 21.66 7.17 17.72
C GLY B 139 21.04 8.54 17.80
N LEU B 140 21.86 9.55 18.11
CA LEU B 140 21.39 10.93 18.23
C LEU B 140 21.01 11.50 16.87
N GLN B 141 21.72 11.07 15.82
CA GLN B 141 21.46 11.56 14.49
C GLN B 141 20.21 10.95 13.89
N VAL B 142 20.01 9.65 14.07
CA VAL B 142 18.75 8.99 13.72
C VAL B 142 17.59 9.74 14.38
N ALA B 143 17.74 10.00 15.68
CA ALA B 143 16.74 10.74 16.44
C ALA B 143 16.40 12.09 15.79
N LYS B 144 17.42 12.82 15.37
CA LYS B 144 17.24 14.12 14.72
C LYS B 144 16.48 14.00 13.40
N GLY B 145 16.80 12.96 12.63
CA GLY B 145 16.12 12.70 11.38
C GLY B 145 14.67 12.36 11.64
N MET B 146 14.44 11.50 12.62
CA MET B 146 13.09 11.07 12.95
C MET B 146 12.26 12.18 13.56
N LYS B 147 12.92 13.09 14.26
CA LYS B 147 12.27 14.30 14.80
C LYS B 147 11.68 15.11 13.66
N TYR B 148 12.50 15.34 12.64
CA TYR B 148 12.11 16.08 11.44
C TYR B 148 10.96 15.37 10.73
N LEU B 149 11.14 14.08 10.45
CA LEU B 149 10.09 13.27 9.83
C LEU B 149 8.77 13.38 10.57
N ALA B 150 8.85 13.41 11.90
CA ALA B 150 7.67 13.52 12.74
C ALA B 150 7.01 14.90 12.60
N SER B 151 7.83 15.93 12.43
CA SER B 151 7.33 17.30 12.29
C SER B 151 6.58 17.48 10.98
N LYS B 152 6.81 16.57 10.04
CA LYS B 152 6.19 16.61 8.73
C LYS B 152 5.01 15.67 8.68
N LYS B 153 4.66 15.13 9.85
CA LYS B 153 3.58 14.14 10.01
C LYS B 153 3.80 12.86 9.19
N PHE B 154 5.07 12.50 8.99
CA PHE B 154 5.43 11.32 8.21
C PHE B 154 5.81 10.16 9.12
N VAL B 155 5.12 9.04 8.96
CA VAL B 155 5.39 7.83 9.74
C VAL B 155 6.33 6.94 8.96
N HIS B 156 7.44 6.51 9.58
CA HIS B 156 8.47 5.72 8.89
C HIS B 156 8.06 4.28 8.55
N ARG B 157 7.59 3.54 9.56
CA ARG B 157 7.05 2.17 9.42
C ARG B 157 8.10 1.05 9.38
N ASP B 158 9.35 1.38 9.10
CA ASP B 158 10.41 0.37 9.06
C ASP B 158 11.75 0.95 9.53
N LEU B 159 11.77 1.51 10.72
CA LEU B 159 12.99 2.04 11.30
C LEU B 159 13.82 0.90 11.85
N ALA B 160 15.07 0.87 11.43
CA ALA B 160 16.03 -0.15 11.84
C ALA B 160 17.43 0.28 11.42
N ALA B 161 18.44 -0.29 12.07
CA ALA B 161 19.84 0.03 11.77
C ALA B 161 20.18 -0.23 10.29
N ARG B 162 19.67 -1.34 9.75
CA ARG B 162 19.88 -1.70 8.35
C ARG B 162 19.27 -0.68 7.37
N ASN B 163 18.33 0.11 7.84
CA ASN B 163 17.71 1.15 7.03
C ASN B 163 18.36 2.52 7.20
N CYS B 164 19.53 2.55 7.85
CA CYS B 164 20.24 3.82 8.04
C CYS B 164 21.55 3.83 7.28
N MET B 165 21.83 4.93 6.61
CA MET B 165 23.01 5.02 5.75
C MET B 165 24.09 5.90 6.36
N LEU B 166 25.31 5.75 5.87
CA LEU B 166 26.46 6.44 6.43
C LEU B 166 27.35 6.94 5.30
N ASP B 167 27.44 8.26 5.17
CA ASP B 167 28.23 8.88 4.10
C ASP B 167 29.72 9.00 4.46
N GLU B 168 30.47 9.75 3.66
CA GLU B 168 31.90 9.97 3.88
C GLU B 168 32.19 10.76 5.16
N LYS B 169 31.38 11.77 5.44
CA LYS B 169 31.52 12.58 6.65
C LYS B 169 30.90 11.91 7.88
N PHE B 170 30.70 10.59 7.81
CA PHE B 170 30.06 9.81 8.87
C PHE B 170 28.75 10.43 9.40
N THR B 171 27.94 10.91 8.45
CA THR B 171 26.59 11.36 8.75
C THR B 171 25.63 10.20 8.56
N VAL B 172 24.78 9.97 9.57
CA VAL B 172 23.72 8.98 9.47
C VAL B 172 22.55 9.57 8.69
N LYS B 173 22.08 8.82 7.70
CA LYS B 173 20.92 9.24 6.92
C LYS B 173 19.85 8.16 7.00
N VAL B 174 18.74 8.51 7.64
CA VAL B 174 17.59 7.63 7.74
C VAL B 174 16.99 7.41 6.35
N ALA B 175 16.83 6.13 5.99
CA ALA B 175 16.29 5.76 4.69
C ALA B 175 15.18 4.72 4.86
N ASP B 176 14.67 4.23 3.73
CA ASP B 176 13.53 3.31 3.73
C ASP B 176 13.61 2.25 2.61
N PRO B 200 10.57 -7.75 9.88
CA PRO B 200 10.33 -6.42 10.45
C PRO B 200 9.57 -6.45 11.77
N VAL B 201 9.03 -7.61 12.13
CA VAL B 201 8.16 -7.76 13.32
C VAL B 201 8.88 -7.54 14.65
N LYS B 202 10.16 -7.85 14.70
CA LYS B 202 10.97 -7.70 15.92
C LYS B 202 11.24 -6.23 16.26
N TRP B 203 10.95 -5.34 15.31
CA TRP B 203 11.08 -3.90 15.52
C TRP B 203 9.71 -3.28 15.76
N MET B 204 8.66 -4.04 15.51
CA MET B 204 7.30 -3.50 15.55
C MET B 204 6.78 -3.29 16.96
N ALA B 205 6.03 -2.20 17.12
CA ALA B 205 5.41 -1.86 18.39
C ALA B 205 4.32 -2.87 18.75
N LEU B 206 4.03 -2.96 20.04
CA LEU B 206 3.04 -3.88 20.57
C LEU B 206 1.69 -3.66 19.90
N GLU B 207 1.27 -2.41 19.76
CA GLU B 207 0.01 -2.07 19.09
C GLU B 207 0.05 -2.30 17.57
N SER B 208 1.25 -2.26 16.99
CA SER B 208 1.43 -2.54 15.56
C SER B 208 1.23 -4.01 15.24
N LEU B 209 1.62 -4.87 16.18
CA LEU B 209 1.55 -6.32 15.97
C LEU B 209 0.15 -6.93 16.16
N GLN B 210 -0.82 -6.08 16.53
CA GLN B 210 -2.17 -6.56 16.82
C GLN B 210 -3.28 -5.71 16.18
N THR B 211 -2.92 -4.53 15.69
CA THR B 211 -3.88 -3.60 15.09
C THR B 211 -3.48 -3.23 13.65
N GLN B 212 -2.26 -3.60 13.27
CA GLN B 212 -1.62 -3.15 12.02
C GLN B 212 -1.56 -1.62 11.97
N LYS B 213 -1.45 -1.00 13.14
CA LYS B 213 -1.50 0.45 13.23
C LYS B 213 -0.12 1.06 13.50
N PHE B 214 0.29 1.94 12.61
CA PHE B 214 1.58 2.62 12.69
C PHE B 214 1.38 4.12 12.93
N THR B 215 2.06 4.64 13.95
CA THR B 215 2.10 6.07 14.24
C THR B 215 3.56 6.44 14.48
N THR B 216 3.81 7.70 14.82
CA THR B 216 5.18 8.11 15.17
C THR B 216 5.57 7.50 16.52
N LYS B 217 4.58 7.28 17.38
CA LYS B 217 4.81 6.57 18.65
C LYS B 217 5.25 5.13 18.37
N SER B 218 4.74 4.57 17.28
CA SER B 218 5.14 3.26 16.80
C SER B 218 6.59 3.29 16.31
N ASP B 219 6.99 4.41 15.71
CA ASP B 219 8.35 4.62 15.26
C ASP B 219 9.29 4.68 16.46
N VAL B 220 8.87 5.39 17.51
CA VAL B 220 9.65 5.53 18.74
C VAL B 220 10.09 4.15 19.27
N TRP B 221 9.19 3.17 19.18
CA TRP B 221 9.49 1.80 19.58
C TRP B 221 10.63 1.22 18.76
N SER B 222 10.51 1.29 17.44
CA SER B 222 11.51 0.75 16.53
C SER B 222 12.84 1.43 16.76
N PHE B 223 12.79 2.74 17.04
CA PHE B 223 13.98 3.50 17.37
C PHE B 223 14.68 2.92 18.60
N GLY B 224 13.89 2.60 19.62
CA GLY B 224 14.40 1.95 20.82
C GLY B 224 15.14 0.67 20.48
N VAL B 225 14.54 -0.12 19.60
CA VAL B 225 15.19 -1.35 19.14
C VAL B 225 16.44 -1.03 18.32
N LEU B 226 16.41 0.08 17.59
CA LEU B 226 17.59 0.56 16.84
C LEU B 226 18.73 0.94 17.77
N LEU B 227 18.42 1.70 18.82
CA LEU B 227 19.39 2.03 19.87
C LEU B 227 20.03 0.78 20.45
N TRP B 228 19.20 -0.22 20.73
CA TRP B 228 19.67 -1.52 21.19
C TRP B 228 20.66 -2.12 20.19
N GLU B 229 20.31 -2.05 18.90
CA GLU B 229 21.17 -2.51 17.82
C GLU B 229 22.52 -1.82 17.82
N LEU B 230 22.52 -0.51 18.03
CA LEU B 230 23.75 0.26 18.03
C LEU B 230 24.68 -0.19 19.15
N MET B 231 24.14 -0.29 20.37
CA MET B 231 24.93 -0.63 21.55
C MET B 231 25.44 -2.07 21.54
N THR B 232 24.73 -2.96 20.86
CA THR B 232 25.18 -4.35 20.69
C THR B 232 26.06 -4.52 19.46
N ARG B 233 26.32 -3.41 18.76
CA ARG B 233 27.05 -3.40 17.49
C ARG B 233 26.45 -4.31 16.41
N GLY B 234 25.12 -4.36 16.37
CA GLY B 234 24.42 -5.04 15.28
C GLY B 234 24.07 -6.49 15.52
N ALA B 235 23.88 -6.85 16.80
CA ALA B 235 23.39 -8.17 17.16
C ALA B 235 21.91 -8.28 16.79
N PRO B 236 21.47 -9.45 16.28
CA PRO B 236 20.06 -9.64 15.99
C PRO B 236 19.21 -9.66 17.27
N PRO B 237 18.10 -8.90 17.28
CA PRO B 237 17.26 -8.82 18.47
C PRO B 237 16.45 -10.10 18.66
N TYR B 238 16.17 -10.43 19.92
CA TYR B 238 15.38 -11.62 20.28
C TYR B 238 15.85 -12.87 19.52
N PRO B 239 17.13 -13.28 19.67
CA PRO B 239 17.59 -14.40 18.87
C PRO B 239 16.83 -15.71 19.14
N ASP B 240 16.33 -15.88 20.36
CA ASP B 240 15.76 -17.15 20.80
C ASP B 240 14.25 -17.29 20.63
N VAL B 241 13.53 -16.17 20.70
CA VAL B 241 12.10 -16.19 20.44
C VAL B 241 11.82 -16.09 18.94
N ASN B 242 10.95 -16.98 18.46
CA ASN B 242 10.64 -17.07 17.03
C ASN B 242 9.71 -15.94 16.59
N THR B 243 9.81 -15.60 15.30
CA THR B 243 9.05 -14.50 14.69
C THR B 243 7.55 -14.45 15.05
N PHE B 244 6.91 -15.62 15.15
CA PHE B 244 5.50 -15.71 15.53
C PHE B 244 5.26 -15.51 17.03
N ASP B 245 6.23 -15.95 17.85
CA ASP B 245 6.11 -15.93 19.31
C ASP B 245 6.30 -14.55 19.94
N ILE B 246 6.78 -13.60 19.14
CA ILE B 246 7.11 -12.25 19.62
C ILE B 246 5.96 -11.52 20.30
N THR B 247 4.75 -11.69 19.78
CA THR B 247 3.57 -10.96 20.29
C THR B 247 3.26 -11.32 21.75
N VAL B 248 3.22 -12.63 22.05
CA VAL B 248 2.94 -13.09 23.40
C VAL B 248 4.07 -12.73 24.37
N TYR B 249 5.30 -12.74 23.84
CA TYR B 249 6.54 -12.43 24.56
C TYR B 249 6.55 -11.02 25.14
N LEU B 250 6.12 -10.05 24.33
CA LEU B 250 6.07 -8.65 24.76
C LEU B 250 4.86 -8.38 25.64
N LEU B 251 3.80 -9.16 25.41
CA LEU B 251 2.59 -9.10 26.23
C LEU B 251 2.89 -9.59 27.65
N GLN B 252 3.68 -10.66 27.73
CA GLN B 252 4.13 -11.25 28.99
C GLN B 252 4.89 -10.25 29.85
N GLY B 253 5.65 -9.37 29.20
CA GLY B 253 6.34 -8.28 29.89
C GLY B 253 7.83 -8.25 29.63
N ARG B 254 8.35 -9.26 28.95
CA ARG B 254 9.78 -9.31 28.64
C ARG B 254 10.20 -8.28 27.58
N ARG B 255 11.24 -7.52 27.91
CA ARG B 255 11.88 -6.59 26.98
C ARG B 255 13.27 -7.09 26.66
N LEU B 256 13.93 -6.44 25.71
CA LEU B 256 15.32 -6.73 25.40
C LEU B 256 16.19 -6.42 26.63
N LEU B 257 17.12 -7.31 26.92
CA LEU B 257 18.04 -7.11 28.04
C LEU B 257 19.01 -5.97 27.76
N GLN B 258 19.54 -5.36 28.82
CA GLN B 258 20.51 -4.28 28.69
C GLN B 258 21.76 -4.79 27.98
N PRO B 259 22.15 -4.15 26.87
CA PRO B 259 23.39 -4.51 26.19
C PRO B 259 24.59 -4.40 27.11
N GLU B 260 25.57 -5.29 26.90
CA GLU B 260 26.78 -5.39 27.70
C GLU B 260 27.50 -4.05 27.90
N TYR B 261 27.49 -3.21 26.88
CA TYR B 261 28.21 -1.95 26.91
C TYR B 261 27.31 -0.76 26.67
N CYS B 262 26.11 -0.83 27.23
CA CYS B 262 25.14 0.24 27.17
C CYS B 262 25.07 0.92 28.53
N PRO B 263 25.34 2.23 28.57
CA PRO B 263 25.19 2.99 29.82
C PRO B 263 23.78 2.88 30.37
N ASP B 264 23.63 3.04 31.68
CA ASP B 264 22.32 2.92 32.32
C ASP B 264 21.27 3.97 31.88
N PRO B 265 21.65 5.26 31.84
CA PRO B 265 20.63 6.25 31.45
C PRO B 265 20.09 6.02 30.02
N LEU B 266 20.91 5.43 29.16
CA LEU B 266 20.49 5.10 27.80
C LEU B 266 19.58 3.88 27.74
N TYR B 267 19.87 2.87 28.56
CA TYR B 267 18.97 1.71 28.62
C TYR B 267 17.61 2.14 29.15
N GLU B 268 17.63 3.11 30.06
CA GLU B 268 16.42 3.74 30.57
C GLU B 268 15.62 4.32 29.40
N VAL B 269 16.30 5.04 28.51
CA VAL B 269 15.66 5.59 27.32
C VAL B 269 14.93 4.49 26.52
N MET B 270 15.64 3.43 26.18
CA MET B 270 15.06 2.32 25.41
C MET B 270 13.76 1.87 26.05
N LEU B 271 13.80 1.66 27.37
CA LEU B 271 12.64 1.18 28.11
C LEU B 271 11.43 2.10 27.97
N LYS B 272 11.67 3.41 28.02
CA LYS B 272 10.61 4.40 27.75
C LYS B 272 10.07 4.24 26.33
N CYS B 273 10.96 4.01 25.38
CA CYS B 273 10.55 3.80 23.99
C CYS B 273 9.67 2.56 23.83
N TRP B 274 9.73 1.66 24.81
CA TRP B 274 8.98 0.41 24.73
C TRP B 274 7.78 0.31 25.66
N HIS B 275 7.32 1.47 26.12
CA HIS B 275 6.14 1.55 26.99
C HIS B 275 4.90 1.08 26.22
N PRO B 276 4.19 0.08 26.77
CA PRO B 276 3.00 -0.50 26.10
C PRO B 276 1.90 0.51 25.79
N LYS B 277 1.79 1.57 26.59
CA LYS B 277 0.84 2.64 26.32
C LYS B 277 1.50 3.69 25.41
N ALA B 278 1.04 3.71 24.16
CA ALA B 278 1.62 4.53 23.08
C ALA B 278 1.96 5.97 23.47
N GLU B 279 1.01 6.66 24.11
CA GLU B 279 1.19 8.07 24.45
C GLU B 279 2.17 8.32 25.59
N MET B 280 2.48 7.26 26.35
CA MET B 280 3.42 7.38 27.47
C MET B 280 4.89 7.42 27.01
N ARG B 281 5.14 6.91 25.79
CA ARG B 281 6.48 6.95 25.18
C ARG B 281 6.94 8.39 24.94
N PRO B 282 8.26 8.63 24.94
CA PRO B 282 8.69 10.00 24.64
C PRO B 282 8.56 10.36 23.15
N SER B 283 8.56 11.66 22.86
CA SER B 283 8.60 12.14 21.49
C SER B 283 10.07 12.23 21.02
N PHE B 284 10.29 12.19 19.71
CA PHE B 284 11.64 12.23 19.16
C PHE B 284 12.35 13.52 19.54
N SER B 285 11.57 14.57 19.77
CA SER B 285 12.09 15.86 20.18
C SER B 285 12.71 15.79 21.57
N GLU B 286 12.08 15.03 22.46
CA GLU B 286 12.57 14.80 23.82
C GLU B 286 13.75 13.85 23.80
N LEU B 287 13.66 12.83 22.94
CA LEU B 287 14.75 11.87 22.71
C LEU B 287 16.02 12.55 22.21
N VAL B 288 15.87 13.53 21.32
CA VAL B 288 17.01 14.33 20.88
C VAL B 288 17.67 15.04 22.07
N SER B 289 16.86 15.76 22.86
CA SER B 289 17.33 16.44 24.07
C SER B 289 18.02 15.51 25.08
N ARG B 290 17.37 14.39 25.39
CA ARG B 290 17.89 13.49 26.41
C ARG B 290 19.17 12.79 25.94
N ILE B 291 19.12 12.21 24.74
CA ILE B 291 20.28 11.50 24.18
C ILE B 291 21.44 12.47 23.92
N SER B 292 21.11 13.73 23.62
CA SER B 292 22.13 14.75 23.44
C SER B 292 22.92 14.97 24.74
N ALA B 293 22.18 15.04 25.85
CA ALA B 293 22.80 15.19 27.16
C ALA B 293 23.67 13.98 27.49
N ILE B 294 23.10 12.78 27.34
CA ILE B 294 23.82 11.53 27.62
C ILE B 294 25.10 11.45 26.78
N PHE B 295 25.01 11.83 25.51
CA PHE B 295 26.15 11.82 24.59
C PHE B 295 27.22 12.85 24.98
N SER B 296 26.79 13.97 25.53
CA SER B 296 27.68 15.08 25.85
C SER B 296 28.53 14.79 27.09
N THR B 297 28.09 13.82 27.89
CA THR B 297 28.82 13.38 29.07
C THR B 297 29.94 12.40 28.74
N PHE B 298 30.12 12.08 27.45
CA PHE B 298 31.16 11.14 27.04
C PHE B 298 32.28 11.80 26.24
N ILE B 299 33.49 11.28 26.42
CA ILE B 299 34.64 11.64 25.59
C ILE B 299 35.12 10.38 24.86
N GLY B 300 35.69 10.56 23.68
CA GLY B 300 36.29 9.46 22.93
C GLY B 300 35.51 9.09 21.69
N GLU B 301 35.97 9.57 20.54
CA GLU B 301 35.34 9.30 19.25
C GLU B 301 36.38 8.89 18.19
N HIS B 302 36.10 7.79 17.50
CA HIS B 302 36.93 7.36 16.37
C HIS B 302 36.29 7.74 15.03
N TYR B 303 35.03 8.16 15.09
CA TYR B 303 34.30 8.63 13.92
C TYR B 303 33.58 9.92 14.27
N VAL B 304 34.16 11.05 13.86
CA VAL B 304 33.61 12.36 14.22
C VAL B 304 32.66 12.89 13.15
N HIS B 305 31.49 13.33 13.60
CA HIS B 305 30.48 13.91 12.71
C HIS B 305 30.79 15.39 12.46
N1 MT3 C . -13.52 2.81 -1.52
N3 MT3 C . -24.49 2.81 -3.09
C4 MT3 C . -10.29 7.32 -3.11
C5 MT3 C . -9.52 6.24 -2.68
C6 MT3 C . -10.02 4.95 -2.78
C7 MT3 C . -15.85 2.49 -2.14
C8 MT3 C . -14.85 2.55 -1.15
C10 MT3 C . -15.46 2.70 -3.46
C13 MT3 C . -17.87 2.78 -0.78
C15 MT3 C . -17.90 1.32 -2.70
C17 MT3 C . -23.55 1.35 -1.48
C20 MT3 C . -26.11 0.34 -0.96
C21 MT3 C . -25.92 1.35 -1.92
C22 MT3 C . -24.66 1.84 -2.17
C24 MT3 C . -22.14 2.85 -2.72
C26 MT3 C . -24.17 -1.70 1.31
C28 MT3 C . -11.79 3.30 -3.42
C27 MT3 C . -28.46 0.67 -0.77
O2 MT3 C . -27.32 -0.20 -0.66
C19 MT3 C . -25.01 -0.16 -0.28
O1 MT3 C . -25.28 -1.13 0.63
C18 MT3 C . -23.74 0.34 -0.53
C23 MT3 C . -23.28 3.30 -3.36
C25 MT3 C . -22.27 1.85 -1.75
O3 MT3 C . -21.19 1.34 -1.08
C11 MT3 C . -19.90 1.61 -1.40
C12 MT3 C . -19.20 2.46 -0.57
F1 MT3 C . -19.88 3.00 0.45
C16 MT3 C . -19.24 1.01 -2.48
C14 MT3 C . -17.19 2.22 -1.86
O4 MT3 C . -15.13 2.37 0.04
C29 MT3 C . -12.47 2.87 -0.46
N2 MT3 C . -14.21 2.96 -3.79
C9 MT3 C . -13.22 3.03 -2.90
C1 MT3 C . -11.29 4.72 -3.31
C2 MT3 C . -12.06 5.80 -3.75
C3 MT3 C . -11.56 7.10 -3.64
N1 MT3 D . 13.31 3.31 -1.70
N3 MT3 D . 24.16 4.61 -1.18
C4 MT3 D . 9.84 6.56 -4.65
C5 MT3 D . 9.16 5.62 -3.87
C6 MT3 D . 9.73 5.14 -2.69
C7 MT3 D . 15.64 3.66 -1.12
C8 MT3 D . 14.64 2.86 -1.72
C10 MT3 D . 15.26 4.85 -0.53
C13 MT3 D . 17.63 2.56 -2.08
C15 MT3 D . 17.72 3.53 0.10
C17 MT3 D . 23.33 2.46 -0.68
C20 MT3 D . 25.95 1.54 -0.31
C21 MT3 D . 25.71 2.88 -0.66
C22 MT3 D . 24.40 3.33 -0.85
C24 MT3 D . 21.84 4.26 -1.21
C26 MT3 D . 24.10 -1.34 0.85
C28 MT3 D . 11.58 5.10 -1.00
C27 MT3 D . 28.31 1.84 -0.56
O2 MT3 D . 27.21 1.03 -0.13
C19 MT3 D . 24.87 0.66 -0.14
O1 MT3 D . 25.15 -0.63 0.20
C18 MT3 D . 23.57 1.13 -0.33
C23 MT3 D . 22.94 5.08 -1.36
C25 MT3 D . 22.03 2.93 -0.86
O3 MT3 D . 20.98 2.06 -0.68
C11 MT3 D . 19.68 2.48 -0.78
C12 MT3 D . 18.97 2.18 -1.93
F1 MT3 D . 19.58 1.51 -2.92
C16 MT3 D . 19.05 3.16 0.26
C14 MT3 D . 17.00 3.26 -1.06
O4 MT3 D . 14.92 1.80 -2.26
C29 MT3 D . 12.24 2.48 -2.33
N2 MT3 D . 13.99 5.26 -0.53
C9 MT3 D . 13.00 4.54 -1.09
C1 MT3 D . 10.99 5.61 -2.29
C2 MT3 D . 11.66 6.56 -3.06
C3 MT3 D . 11.09 7.04 -4.25
#